data_5M2V
#
_entry.id   5M2V
#
_cell.length_a   71.986
_cell.length_b   71.986
_cell.length_c   233.363
_cell.angle_alpha   90.000
_cell.angle_beta   90.000
_cell.angle_gamma   90.000
#
_symmetry.space_group_name_H-M   'P 41 21 2'
#
loop_
_entity.id
_entity.type
_entity.pdbx_description
1 polymer 'Glutamate receptor ionotropic, kainate 1,Glutamate receptor ionotropic, kainate 1'
2 non-polymer '(2~{S},4~{R})-4-(2-carboxyphenoxy)pyrrolidine-2-carboxylic acid'
3 non-polymer 'SULFATE ION'
4 non-polymer 'CHLORIDE ION'
#
_entity_poly.entity_id   1
_entity_poly.type   'polypeptide(L)'
_entity_poly.pdbx_seq_one_letter_code
;GANRTLIVTTILEEPYVMYRKSDKPLYGNDRFEGYCLDLLKELSNILGFLYDVKLVPDGKYGAQNDKGEWNGMVKELIDH
RADLAVAPLTITYVREKVIDFSKPFMTLGISILYRKGTPIDSADDLAKQTKIEYGAVRDGSTMTFFKKSKISTYEKMWAF
MSSRQQSALVKNSDEGIQRVLTTDYALLMESTSIEYVTQRNCNLTQIGGLIDSKGYGVGTPIGSPYRDKITIAILQLQEE
GKLHMMKEKWWRGNGCP
;
_entity_poly.pdbx_strand_id   A,B
#
# COMPACT_ATOMS: atom_id res chain seq x y z
N THR A 5 -28.43 12.13 -5.51
CA THR A 5 -28.31 10.75 -5.08
C THR A 5 -27.42 9.96 -6.03
N LEU A 6 -26.43 9.28 -5.47
CA LEU A 6 -25.46 8.52 -6.23
C LEU A 6 -25.82 7.04 -6.24
N ILE A 7 -25.30 6.33 -7.24
CA ILE A 7 -25.48 4.88 -7.37
C ILE A 7 -24.13 4.22 -7.15
N VAL A 8 -24.10 3.22 -6.28
CA VAL A 8 -22.87 2.55 -5.88
C VAL A 8 -23.00 1.07 -6.22
N THR A 9 -22.20 0.60 -7.17
CA THR A 9 -22.15 -0.81 -7.49
C THR A 9 -21.20 -1.54 -6.55
N THR A 10 -21.49 -2.81 -6.31
CA THR A 10 -20.67 -3.63 -5.41
C THR A 10 -21.00 -5.10 -5.67
N ILE A 11 -20.25 -5.97 -4.99
CA ILE A 11 -20.39 -7.41 -5.15
C ILE A 11 -20.42 -8.04 -3.76
N LEU A 12 -21.00 -9.23 -3.69
CA LEU A 12 -21.12 -9.94 -2.42
C LEU A 12 -19.80 -10.67 -2.14
N GLU A 13 -19.20 -10.38 -0.98
CA GLU A 13 -17.94 -11.00 -0.60
C GLU A 13 -17.63 -10.72 0.87
N GLU A 14 -17.44 -11.78 1.66
CA GLU A 14 -17.13 -11.64 3.08
C GLU A 14 -15.73 -11.09 3.29
N PRO A 15 -15.57 -10.17 4.26
CA PRO A 15 -16.65 -9.52 5.01
C PRO A 15 -16.94 -8.13 4.47
N TYR A 16 -16.72 -7.94 3.16
CA TYR A 16 -16.89 -6.63 2.55
C TYR A 16 -18.36 -6.28 2.35
N VAL A 17 -19.11 -7.15 1.68
CA VAL A 17 -20.52 -6.94 1.41
C VAL A 17 -21.22 -8.28 1.59
N MET A 18 -22.07 -8.39 2.60
CA MET A 18 -22.80 -9.61 2.91
C MET A 18 -24.26 -9.27 3.18
N TYR A 19 -25.15 -10.20 2.80
CA TYR A 19 -26.55 -10.09 3.19
C TYR A 19 -26.65 -10.11 4.71
N ARG A 20 -27.29 -9.09 5.28
CA ARG A 20 -27.43 -9.01 6.72
C ARG A 20 -28.48 -10.01 7.21
N LYS A 21 -28.18 -10.65 8.34
CA LYS A 21 -29.07 -11.65 8.92
C LYS A 21 -30.20 -10.97 9.69
N SER A 22 -31.43 -11.15 9.22
CA SER A 22 -32.60 -10.58 9.86
C SER A 22 -33.76 -11.56 9.74
N ASP A 23 -34.73 -11.39 10.64
CA ASP A 23 -35.91 -12.26 10.62
C ASP A 23 -36.90 -11.82 9.55
N LYS A 24 -37.05 -10.51 9.33
CA LYS A 24 -37.96 -9.98 8.33
C LYS A 24 -37.18 -9.56 7.08
N PRO A 25 -37.81 -9.62 5.91
CA PRO A 25 -37.16 -9.15 4.69
C PRO A 25 -36.65 -7.72 4.86
N LEU A 26 -35.55 -7.41 4.16
CA LEU A 26 -34.94 -6.09 4.22
C LEU A 26 -34.95 -5.46 2.83
N TYR A 27 -34.86 -4.13 2.81
CA TYR A 27 -35.02 -3.36 1.59
C TYR A 27 -33.91 -2.31 1.49
N GLY A 28 -33.50 -2.05 0.25
CA GLY A 28 -32.51 -1.02 -0.04
C GLY A 28 -31.17 -1.29 0.61
N ASN A 29 -30.47 -0.20 0.97
CA ASN A 29 -29.15 -0.32 1.57
C ASN A 29 -29.17 -1.07 2.90
N ASP A 30 -30.32 -1.16 3.55
CA ASP A 30 -30.43 -1.94 4.78
C ASP A 30 -30.24 -3.43 4.54
N ARG A 31 -30.29 -3.88 3.29
CA ARG A 31 -30.12 -5.31 3.00
C ARG A 31 -28.70 -5.79 3.27
N PHE A 32 -27.72 -4.89 3.26
CA PHE A 32 -26.32 -5.27 3.24
C PHE A 32 -25.59 -4.76 4.48
N GLU A 33 -24.53 -5.47 4.84
CA GLU A 33 -23.61 -5.06 5.89
C GLU A 33 -22.22 -5.51 5.49
N GLY A 34 -21.21 -4.95 6.16
CA GLY A 34 -19.84 -5.33 5.86
C GLY A 34 -18.86 -4.18 5.95
N TYR A 35 -17.59 -4.47 5.62
CA TYR A 35 -16.56 -3.44 5.66
C TYR A 35 -16.86 -2.32 4.68
N CYS A 36 -17.14 -2.67 3.42
CA CYS A 36 -17.38 -1.66 2.39
C CYS A 36 -18.63 -0.83 2.69
N LEU A 37 -19.59 -1.39 3.45
CA LEU A 37 -20.74 -0.60 3.87
C LEU A 37 -20.32 0.51 4.84
N ASP A 38 -19.51 0.15 5.84
CA ASP A 38 -19.00 1.15 6.78
C ASP A 38 -18.17 2.20 6.05
N LEU A 39 -17.28 1.75 5.17
CA LEU A 39 -16.47 2.69 4.40
C LEU A 39 -17.35 3.63 3.57
N LEU A 40 -18.43 3.10 3.00
CA LEU A 40 -19.33 3.93 2.21
C LEU A 40 -20.06 4.94 3.08
N LYS A 41 -20.41 4.54 4.30
CA LYS A 41 -21.05 5.49 5.22
C LYS A 41 -20.09 6.62 5.58
N GLU A 42 -18.83 6.29 5.87
CA GLU A 42 -17.86 7.35 6.17
C GLU A 42 -17.64 8.24 4.98
N LEU A 43 -17.57 7.67 3.77
CA LEU A 43 -17.45 8.48 2.57
C LEU A 43 -18.63 9.44 2.43
N SER A 44 -19.84 8.95 2.66
CA SER A 44 -21.00 9.83 2.61
C SER A 44 -20.97 10.89 3.70
N ASN A 45 -20.36 10.59 4.84
CA ASN A 45 -20.21 11.59 5.89
C ASN A 45 -19.25 12.71 5.46
N ILE A 46 -18.09 12.33 4.91
CA ILE A 46 -17.10 13.32 4.53
C ILE A 46 -17.58 14.15 3.34
N LEU A 47 -17.95 13.49 2.25
CA LEU A 47 -18.32 14.21 1.03
C LEU A 47 -19.73 14.76 1.07
N GLY A 48 -20.59 14.23 1.95
CA GLY A 48 -21.95 14.72 2.06
C GLY A 48 -22.81 14.40 0.85
N PHE A 49 -23.13 13.12 0.66
CA PHE A 49 -23.98 12.70 -0.45
C PHE A 49 -24.90 11.57 0.02
N LEU A 50 -26.00 11.43 -0.72
CA LEU A 50 -26.90 10.29 -0.53
C LEU A 50 -26.52 9.21 -1.53
N TYR A 51 -26.64 7.95 -1.12
CA TYR A 51 -26.17 6.85 -1.95
C TYR A 51 -27.18 5.71 -1.92
N ASP A 52 -27.29 5.02 -3.05
CA ASP A 52 -28.11 3.83 -3.21
C ASP A 52 -27.21 2.70 -3.70
N VAL A 53 -27.27 1.56 -3.01
CA VAL A 53 -26.39 0.44 -3.30
C VAL A 53 -27.10 -0.52 -4.23
N LYS A 54 -26.41 -0.94 -5.29
CA LYS A 54 -26.97 -1.86 -6.28
C LYS A 54 -25.90 -2.90 -6.61
N LEU A 55 -26.16 -4.15 -6.24
CA LEU A 55 -25.24 -5.23 -6.60
C LEU A 55 -25.05 -5.28 -8.11
N VAL A 56 -23.82 -5.55 -8.52
CA VAL A 56 -23.51 -5.60 -9.96
C VAL A 56 -24.36 -6.69 -10.62
N PRO A 57 -25.02 -6.41 -11.75
CA PRO A 57 -25.98 -7.38 -12.30
C PRO A 57 -25.37 -8.75 -12.59
N ASP A 58 -24.29 -8.81 -13.37
CA ASP A 58 -23.71 -10.10 -13.72
C ASP A 58 -22.83 -10.68 -12.61
N GLY A 59 -22.72 -10.01 -11.47
CA GLY A 59 -21.98 -10.56 -10.35
C GLY A 59 -20.50 -10.76 -10.62
N LYS A 60 -19.92 -9.97 -11.51
CA LYS A 60 -18.51 -10.04 -11.84
C LYS A 60 -17.79 -8.78 -11.40
N TYR A 61 -16.49 -8.90 -11.18
CA TYR A 61 -15.68 -7.74 -10.78
C TYR A 61 -15.41 -6.83 -11.97
N GLY A 62 -14.63 -7.31 -12.93
CA GLY A 62 -14.30 -6.50 -14.09
C GLY A 62 -13.13 -6.99 -14.91
N ALA A 63 -13.43 -7.57 -16.07
CA ALA A 63 -12.40 -7.99 -17.03
C ALA A 63 -12.89 -7.71 -18.44
N GLN A 64 -11.95 -7.71 -19.38
CA GLN A 64 -12.27 -7.45 -20.78
C GLN A 64 -12.01 -8.69 -21.62
N ASN A 65 -12.87 -8.91 -22.62
CA ASN A 65 -12.80 -10.10 -23.44
C ASN A 65 -11.87 -9.84 -24.64
N ASP A 66 -11.96 -10.65 -25.69
CA ASP A 66 -11.04 -10.55 -26.81
C ASP A 66 -11.33 -9.33 -27.68
N LYS A 67 -12.57 -8.84 -27.69
CA LYS A 67 -12.93 -7.68 -28.51
C LYS A 67 -12.77 -6.37 -27.77
N GLY A 68 -12.39 -6.39 -26.50
CA GLY A 68 -12.17 -5.17 -25.74
C GLY A 68 -13.37 -4.67 -24.97
N GLU A 69 -14.37 -5.51 -24.73
CA GLU A 69 -15.56 -5.11 -23.99
C GLU A 69 -15.42 -5.54 -22.53
N TRP A 70 -15.82 -4.66 -21.62
CA TRP A 70 -15.66 -4.87 -20.20
C TRP A 70 -16.95 -5.42 -19.59
N ASN A 71 -16.80 -6.12 -18.47
CA ASN A 71 -17.94 -6.63 -17.70
C ASN A 71 -17.89 -6.08 -16.28
N GLY A 72 -18.85 -6.53 -15.47
CA GLY A 72 -18.90 -6.26 -14.05
C GLY A 72 -18.93 -4.78 -13.69
N MET A 73 -18.44 -4.50 -12.48
CA MET A 73 -18.47 -3.14 -11.95
C MET A 73 -17.74 -2.17 -12.85
N VAL A 74 -16.62 -2.59 -13.44
CA VAL A 74 -15.86 -1.73 -14.34
C VAL A 74 -16.77 -1.23 -15.47
N LYS A 75 -17.50 -2.15 -16.10
CA LYS A 75 -18.42 -1.76 -17.16
C LYS A 75 -19.55 -0.91 -16.61
N GLU A 76 -20.03 -1.21 -15.41
CA GLU A 76 -21.04 -0.36 -14.78
C GLU A 76 -20.57 1.08 -14.67
N LEU A 77 -19.30 1.29 -14.33
CA LEU A 77 -18.76 2.64 -14.22
C LEU A 77 -18.56 3.27 -15.60
N ILE A 78 -18.02 2.49 -16.55
CA ILE A 78 -17.75 3.04 -17.88
C ILE A 78 -19.01 3.58 -18.53
N ASP A 79 -20.12 2.85 -18.42
CA ASP A 79 -21.38 3.25 -19.05
C ASP A 79 -22.15 4.27 -18.22
N HIS A 80 -21.53 4.85 -17.19
CA HIS A 80 -22.18 5.82 -16.31
C HIS A 80 -23.47 5.26 -15.73
N ARG A 81 -23.48 3.95 -15.46
CA ARG A 81 -24.61 3.31 -14.80
C ARG A 81 -24.43 3.24 -13.29
N ALA A 82 -23.22 3.52 -12.79
CA ALA A 82 -22.95 3.60 -11.37
C ALA A 82 -22.05 4.79 -11.12
N ASP A 83 -22.26 5.47 -9.99
CA ASP A 83 -21.42 6.60 -9.62
C ASP A 83 -20.15 6.15 -8.93
N LEU A 84 -20.26 5.23 -7.97
CA LEU A 84 -19.13 4.74 -7.22
C LEU A 84 -18.99 3.23 -7.38
N ALA A 85 -17.83 2.72 -6.98
CA ALA A 85 -17.59 1.28 -6.89
C ALA A 85 -16.83 1.05 -5.58
N VAL A 86 -17.54 0.59 -4.56
CA VAL A 86 -16.96 0.33 -3.24
C VAL A 86 -16.99 -1.18 -3.05
N ALA A 87 -15.84 -1.81 -3.22
CA ALA A 87 -15.72 -3.27 -3.17
C ALA A 87 -14.24 -3.63 -3.18
N PRO A 88 -13.90 -4.84 -2.76
CA PRO A 88 -12.50 -5.29 -2.89
C PRO A 88 -12.06 -5.39 -4.35
N LEU A 89 -11.98 -4.25 -5.02
CA LEU A 89 -11.66 -4.19 -6.45
C LEU A 89 -10.17 -3.87 -6.59
N THR A 90 -9.42 -4.79 -7.19
CA THR A 90 -7.98 -4.66 -7.27
C THR A 90 -7.57 -3.58 -8.27
N ILE A 91 -6.57 -2.79 -7.89
CA ILE A 91 -6.03 -1.74 -8.74
C ILE A 91 -5.00 -2.39 -9.68
N THR A 92 -5.38 -2.60 -10.93
CA THR A 92 -4.52 -3.26 -11.91
C THR A 92 -4.17 -2.31 -13.03
N TYR A 93 -3.14 -2.70 -13.79
CA TYR A 93 -2.70 -1.91 -14.94
C TYR A 93 -3.84 -1.66 -15.92
N VAL A 94 -4.54 -2.74 -16.31
CA VAL A 94 -5.54 -2.63 -17.36
C VAL A 94 -6.81 -1.95 -16.89
N ARG A 95 -7.17 -2.08 -15.60
CA ARG A 95 -8.39 -1.47 -15.11
C ARG A 95 -8.27 0.04 -14.99
N GLU A 96 -7.09 0.54 -14.60
CA GLU A 96 -6.94 1.98 -14.39
C GLU A 96 -6.97 2.77 -15.70
N LYS A 97 -6.68 2.13 -16.83
CA LYS A 97 -6.77 2.84 -18.09
C LYS A 97 -8.20 3.20 -18.47
N VAL A 98 -9.20 2.53 -17.91
CA VAL A 98 -10.58 2.75 -18.30
C VAL A 98 -11.42 3.39 -17.20
N ILE A 99 -10.99 3.34 -15.94
CA ILE A 99 -11.69 4.00 -14.84
C ILE A 99 -10.66 4.67 -13.94
N ASP A 100 -11.15 5.44 -12.98
CA ASP A 100 -10.30 6.18 -12.05
C ASP A 100 -10.38 5.52 -10.69
N PHE A 101 -9.23 5.07 -10.18
CA PHE A 101 -9.13 4.51 -8.85
C PHE A 101 -8.67 5.58 -7.87
N SER A 102 -9.24 5.56 -6.67
CA SER A 102 -8.74 6.40 -5.60
C SER A 102 -7.47 5.79 -5.02
N LYS A 103 -6.86 6.48 -4.07
CA LYS A 103 -5.72 5.91 -3.38
C LYS A 103 -6.17 4.68 -2.58
N PRO A 104 -5.33 3.65 -2.48
CA PRO A 104 -5.80 2.38 -1.91
C PRO A 104 -6.21 2.52 -0.45
N PHE A 105 -7.40 2.00 -0.13
CA PHE A 105 -7.85 1.91 1.24
C PHE A 105 -7.49 0.59 1.91
N MET A 106 -6.79 -0.29 1.20
CA MET A 106 -6.29 -1.53 1.78
C MET A 106 -5.19 -2.09 0.88
N THR A 107 -4.07 -2.48 1.48
CA THR A 107 -2.92 -3.01 0.75
C THR A 107 -2.74 -4.48 1.11
N LEU A 108 -2.42 -5.31 0.12
CA LEU A 108 -2.41 -6.75 0.28
C LEU A 108 -1.56 -7.37 -0.82
N GLY A 109 -1.61 -8.70 -0.91
CA GLY A 109 -0.89 -9.41 -1.95
C GLY A 109 -1.36 -10.85 -2.03
N ILE A 110 -0.91 -11.52 -3.10
CA ILE A 110 -1.24 -12.93 -3.29
C ILE A 110 -0.43 -13.78 -2.33
N SER A 111 -1.09 -14.73 -1.68
CA SER A 111 -0.41 -15.66 -0.78
C SER A 111 -1.07 -17.04 -0.90
N ILE A 112 -0.72 -17.93 0.02
CA ILE A 112 -1.07 -19.35 -0.05
C ILE A 112 -1.88 -19.71 1.17
N LEU A 113 -2.99 -20.41 0.96
CA LEU A 113 -3.84 -20.94 2.02
C LEU A 113 -3.71 -22.46 2.03
N TYR A 114 -3.39 -23.01 3.20
CA TYR A 114 -3.13 -24.45 3.30
C TYR A 114 -3.42 -24.89 4.73
N ARG A 115 -3.03 -26.12 5.05
CA ARG A 115 -3.22 -26.71 6.36
C ARG A 115 -2.04 -26.42 7.28
N LYS A 116 -2.28 -26.60 8.58
CA LYS A 116 -1.25 -26.41 9.59
C LYS A 116 -0.40 -27.68 9.75
N GLY A 117 0.75 -27.51 10.38
CA GLY A 117 1.59 -28.64 10.74
C GLY A 117 2.20 -29.38 9.58
N THR A 118 2.46 -28.70 8.48
CA THR A 118 3.08 -29.30 7.30
C THR A 118 4.47 -28.72 7.06
N PRO A 119 5.31 -29.40 6.29
CA PRO A 119 6.66 -28.86 6.01
C PRO A 119 6.70 -27.84 4.89
N ILE A 120 5.59 -27.58 4.20
CA ILE A 120 5.59 -26.64 3.09
C ILE A 120 5.70 -25.22 3.64
N ASP A 121 6.54 -24.41 3.00
CA ASP A 121 6.80 -23.05 3.48
C ASP A 121 6.80 -21.97 2.40
N SER A 122 6.91 -22.31 1.11
CA SER A 122 6.95 -21.29 0.08
C SER A 122 6.35 -21.85 -1.19
N ALA A 123 6.09 -20.94 -2.15
CA ALA A 123 5.61 -21.34 -3.47
C ALA A 123 6.65 -22.14 -4.24
N ASP A 124 7.93 -22.03 -3.87
CA ASP A 124 8.95 -22.85 -4.50
C ASP A 124 8.80 -24.32 -4.10
N ASP A 125 8.40 -24.56 -2.84
CA ASP A 125 8.11 -25.92 -2.42
C ASP A 125 6.95 -26.51 -3.21
N LEU A 126 5.90 -25.71 -3.46
CA LEU A 126 4.81 -26.17 -4.28
C LEU A 126 5.26 -26.40 -5.72
N ALA A 127 6.15 -25.56 -6.23
CA ALA A 127 6.62 -25.71 -7.60
C ALA A 127 7.48 -26.96 -7.77
N LYS A 128 8.26 -27.31 -6.73
CA LYS A 128 9.11 -28.49 -6.78
C LYS A 128 8.35 -29.79 -6.54
N GLN A 129 7.03 -29.75 -6.37
CA GLN A 129 6.28 -30.93 -6.00
C GLN A 129 5.01 -31.02 -6.84
N THR A 130 4.59 -32.26 -7.13
CA THR A 130 3.36 -32.51 -7.85
C THR A 130 2.36 -33.35 -7.06
N LYS A 131 2.70 -33.79 -5.84
CA LYS A 131 1.75 -34.55 -5.05
C LYS A 131 0.64 -33.64 -4.51
N ILE A 132 1.01 -32.53 -3.90
CA ILE A 132 0.03 -31.55 -3.45
C ILE A 132 -0.42 -30.72 -4.64
N GLU A 133 -1.73 -30.66 -4.84
CA GLU A 133 -2.30 -29.85 -5.91
C GLU A 133 -2.49 -28.42 -5.44
N TYR A 134 -2.22 -27.46 -6.32
CA TYR A 134 -2.37 -26.06 -5.99
C TYR A 134 -3.01 -25.32 -7.16
N GLY A 135 -3.77 -24.28 -6.83
CA GLY A 135 -4.46 -23.51 -7.84
C GLY A 135 -5.12 -22.29 -7.24
N ALA A 136 -5.97 -21.65 -8.04
CA ALA A 136 -6.62 -20.42 -7.62
C ALA A 136 -8.01 -20.36 -8.26
N VAL A 137 -8.75 -19.31 -7.90
CA VAL A 137 -10.10 -19.12 -8.42
C VAL A 137 -10.04 -18.71 -9.88
N ARG A 138 -10.90 -19.31 -10.69
CA ARG A 138 -10.92 -19.04 -12.12
C ARG A 138 -11.34 -17.59 -12.38
N ASP A 139 -10.61 -16.92 -13.29
CA ASP A 139 -10.85 -15.56 -13.76
C ASP A 139 -10.57 -14.50 -12.70
N GLY A 140 -10.16 -14.87 -11.50
CA GLY A 140 -9.81 -13.90 -10.48
C GLY A 140 -8.50 -13.19 -10.80
N SER A 141 -8.18 -12.20 -9.97
CA SER A 141 -6.96 -11.43 -10.18
C SER A 141 -5.72 -12.29 -10.00
N THR A 142 -5.75 -13.23 -9.06
CA THR A 142 -4.61 -14.11 -8.84
C THR A 142 -4.31 -14.95 -10.07
N MET A 143 -5.35 -15.54 -10.67
CA MET A 143 -5.18 -16.28 -11.92
C MET A 143 -4.59 -15.39 -13.00
N THR A 144 -5.06 -14.15 -13.10
CA THR A 144 -4.51 -13.23 -14.09
C THR A 144 -3.02 -12.99 -13.83
N PHE A 145 -2.63 -12.87 -12.56
CA PHE A 145 -1.22 -12.71 -12.22
C PHE A 145 -0.39 -13.88 -12.71
N PHE A 146 -0.80 -15.11 -12.36
CA PHE A 146 -0.04 -16.27 -12.81
C PHE A 146 -0.07 -16.42 -14.32
N LYS A 147 -1.16 -16.02 -14.97
CA LYS A 147 -1.22 -16.04 -16.43
C LYS A 147 -0.18 -15.12 -17.04
N LYS A 148 -0.09 -13.89 -16.55
CA LYS A 148 0.78 -12.88 -17.16
C LYS A 148 2.21 -12.91 -16.64
N SER A 149 2.44 -13.50 -15.47
CA SER A 149 3.77 -13.43 -14.86
C SER A 149 4.82 -14.07 -15.75
N LYS A 150 6.02 -13.50 -15.73
CA LYS A 150 7.16 -14.05 -16.44
C LYS A 150 8.26 -14.53 -15.49
N ILE A 151 7.99 -14.55 -14.19
CA ILE A 151 8.91 -15.15 -13.25
C ILE A 151 8.89 -16.66 -13.43
N SER A 152 10.07 -17.29 -13.34
CA SER A 152 10.21 -18.72 -13.58
C SER A 152 9.21 -19.54 -12.76
N THR A 153 9.29 -19.42 -11.43
CA THR A 153 8.44 -20.23 -10.55
C THR A 153 6.97 -20.07 -10.87
N TYR A 154 6.54 -18.84 -11.14
CA TYR A 154 5.12 -18.58 -11.36
C TYR A 154 4.67 -19.03 -12.73
N GLU A 155 5.58 -19.09 -13.70
CA GLU A 155 5.24 -19.72 -14.98
C GLU A 155 5.12 -21.23 -14.84
N LYS A 156 5.98 -21.84 -14.02
CA LYS A 156 5.84 -23.27 -13.74
C LYS A 156 4.51 -23.56 -13.04
N MET A 157 4.21 -22.79 -11.99
CA MET A 157 2.93 -22.98 -11.28
C MET A 157 1.75 -22.72 -12.19
N TRP A 158 1.86 -21.76 -13.11
CA TRP A 158 0.79 -21.55 -14.07
C TRP A 158 0.67 -22.71 -15.04
N ALA A 159 1.79 -23.33 -15.40
CA ALA A 159 1.73 -24.55 -16.20
C ALA A 159 0.96 -25.64 -15.47
N PHE A 160 1.29 -25.86 -14.19
CA PHE A 160 0.55 -26.85 -13.40
C PHE A 160 -0.93 -26.50 -13.32
N MET A 161 -1.25 -25.21 -13.14
CA MET A 161 -2.64 -24.80 -12.99
C MET A 161 -3.43 -25.03 -14.28
N SER A 162 -2.92 -24.54 -15.41
CA SER A 162 -3.61 -24.72 -16.68
C SER A 162 -3.62 -26.18 -17.13
N SER A 163 -2.68 -26.99 -16.63
CA SER A 163 -2.59 -28.39 -17.02
C SER A 163 -3.87 -29.14 -16.68
N ARG A 164 -4.11 -30.23 -17.42
CA ARG A 164 -5.29 -31.08 -17.23
C ARG A 164 -6.58 -30.28 -17.38
N GLN A 165 -6.63 -29.48 -18.46
CA GLN A 165 -7.80 -28.67 -18.79
C GLN A 165 -8.17 -27.73 -17.63
N GLN A 166 -7.15 -27.22 -16.95
CA GLN A 166 -7.33 -26.34 -15.79
C GLN A 166 -8.20 -26.99 -14.71
N SER A 167 -7.96 -28.28 -14.47
CA SER A 167 -8.72 -29.00 -13.44
C SER A 167 -8.34 -28.54 -12.04
N ALA A 168 -7.19 -27.89 -11.88
CA ALA A 168 -6.74 -27.44 -10.57
C ALA A 168 -7.42 -26.16 -10.11
N LEU A 169 -8.14 -25.46 -10.98
CA LEU A 169 -8.78 -24.22 -10.61
C LEU A 169 -10.18 -24.49 -10.05
N VAL A 170 -10.72 -23.47 -9.37
CA VAL A 170 -12.05 -23.54 -8.77
C VAL A 170 -12.88 -22.36 -9.28
N LYS A 171 -14.20 -22.53 -9.20
CA LYS A 171 -15.10 -21.49 -9.68
C LYS A 171 -15.20 -20.31 -8.72
N ASN A 172 -15.07 -20.55 -7.41
CA ASN A 172 -15.24 -19.49 -6.43
C ASN A 172 -14.39 -19.81 -5.21
N SER A 173 -14.26 -18.81 -4.33
CA SER A 173 -13.35 -18.91 -3.18
C SER A 173 -13.79 -20.02 -2.22
N ASP A 174 -15.10 -20.13 -1.97
CA ASP A 174 -15.57 -21.09 -0.99
C ASP A 174 -15.31 -22.52 -1.44
N GLU A 175 -15.47 -22.80 -2.73
CA GLU A 175 -15.12 -24.11 -3.26
C GLU A 175 -13.65 -24.41 -3.07
N GLY A 176 -12.79 -23.39 -3.20
CA GLY A 176 -11.38 -23.59 -2.95
C GLY A 176 -11.08 -23.87 -1.49
N ILE A 177 -11.71 -23.12 -0.58
CA ILE A 177 -11.54 -23.37 0.85
C ILE A 177 -11.96 -24.79 1.18
N GLN A 178 -13.09 -25.25 0.63
CA GLN A 178 -13.51 -26.62 0.84
C GLN A 178 -12.49 -27.61 0.28
N ARG A 179 -11.94 -27.32 -0.91
CA ARG A 179 -10.98 -28.23 -1.51
C ARG A 179 -9.73 -28.35 -0.65
N VAL A 180 -9.32 -27.26 -0.01
CA VAL A 180 -8.21 -27.34 0.94
C VAL A 180 -8.63 -28.14 2.18
N LEU A 181 -9.86 -27.94 2.65
CA LEU A 181 -10.31 -28.58 3.87
C LEU A 181 -10.57 -30.08 3.72
N THR A 182 -10.72 -30.58 2.50
CA THR A 182 -11.07 -31.99 2.31
C THR A 182 -10.01 -32.80 1.57
N THR A 183 -9.25 -32.19 0.67
CA THR A 183 -8.20 -32.88 -0.06
C THR A 183 -6.85 -32.28 0.29
N ASP A 184 -5.80 -32.81 -0.33
CA ASP A 184 -4.44 -32.30 -0.16
C ASP A 184 -4.23 -31.20 -1.20
N TYR A 185 -4.72 -30.01 -0.87
CA TYR A 185 -4.82 -28.92 -1.82
C TYR A 185 -4.40 -27.60 -1.18
N ALA A 186 -3.70 -26.78 -1.96
CA ALA A 186 -3.29 -25.43 -1.55
C ALA A 186 -3.96 -24.42 -2.46
N LEU A 187 -4.51 -23.36 -1.87
CA LEU A 187 -5.28 -22.37 -2.61
C LEU A 187 -4.56 -21.03 -2.58
N LEU A 188 -4.11 -20.57 -3.75
CA LEU A 188 -3.44 -19.29 -3.86
C LEU A 188 -4.49 -18.20 -4.04
N MET A 189 -4.49 -17.22 -3.14
CA MET A 189 -5.57 -16.25 -3.08
C MET A 189 -5.07 -14.98 -2.41
N GLU A 190 -5.90 -13.94 -2.44
CA GLU A 190 -5.53 -12.66 -1.86
C GLU A 190 -5.48 -12.77 -0.33
N SER A 191 -4.45 -12.15 0.25
CA SER A 191 -4.11 -12.40 1.65
C SER A 191 -5.19 -11.90 2.62
N THR A 192 -5.89 -10.82 2.26
CA THR A 192 -6.91 -10.29 3.17
C THR A 192 -8.00 -11.31 3.44
N SER A 193 -8.30 -12.19 2.48
CA SER A 193 -9.25 -13.26 2.71
C SER A 193 -8.61 -14.41 3.50
N ILE A 194 -7.33 -14.67 3.24
CA ILE A 194 -6.61 -15.69 4.00
C ILE A 194 -6.64 -15.35 5.48
N GLU A 195 -6.54 -14.06 5.82
CA GLU A 195 -6.67 -13.65 7.21
C GLU A 195 -8.04 -14.02 7.77
N TYR A 196 -9.09 -13.77 7.00
CA TYR A 196 -10.45 -14.08 7.44
C TYR A 196 -10.60 -15.58 7.70
N VAL A 197 -10.22 -16.40 6.72
CA VAL A 197 -10.33 -17.86 6.86
C VAL A 197 -9.50 -18.35 8.04
N THR A 198 -8.23 -17.94 8.11
CA THR A 198 -7.35 -18.41 9.18
C THR A 198 -7.86 -17.98 10.54
N GLN A 199 -8.39 -16.76 10.65
CA GLN A 199 -9.00 -16.31 11.90
C GLN A 199 -10.29 -17.06 12.21
N ARG A 200 -10.91 -17.70 11.21
CA ARG A 200 -12.12 -18.47 11.44
C ARG A 200 -11.98 -19.95 11.09
N ASN A 201 -10.76 -20.44 10.87
CA ASN A 201 -10.55 -21.87 10.62
C ASN A 201 -9.18 -22.22 11.22
N CYS A 202 -9.19 -22.60 12.50
CA CYS A 202 -7.96 -22.74 13.26
C CYS A 202 -7.12 -23.94 12.83
N ASN A 203 -7.54 -24.72 11.83
CA ASN A 203 -6.70 -25.78 11.27
C ASN A 203 -6.08 -25.38 9.94
N LEU A 204 -6.41 -24.19 9.43
CA LEU A 204 -5.83 -23.65 8.22
C LEU A 204 -4.90 -22.49 8.56
N THR A 205 -3.89 -22.31 7.74
CA THR A 205 -2.95 -21.21 7.94
C THR A 205 -2.42 -20.74 6.59
N GLN A 206 -1.80 -19.57 6.61
CA GLN A 206 -1.15 -19.01 5.44
C GLN A 206 0.28 -19.53 5.37
N ILE A 207 0.72 -19.83 4.15
CA ILE A 207 2.04 -20.42 3.92
C ILE A 207 2.88 -19.36 3.19
N GLY A 208 3.89 -18.85 3.88
CA GLY A 208 4.77 -17.85 3.31
C GLY A 208 4.28 -16.44 3.54
N GLY A 209 4.82 -15.53 2.74
CA GLY A 209 4.43 -14.12 2.76
C GLY A 209 3.56 -13.76 1.58
N LEU A 210 3.74 -12.54 1.08
CA LEU A 210 3.00 -12.04 -0.06
C LEU A 210 3.85 -12.17 -1.31
N ILE A 211 3.28 -12.76 -2.37
CA ILE A 211 4.01 -12.92 -3.62
C ILE A 211 4.19 -11.59 -4.33
N ASP A 212 3.21 -10.69 -4.20
CA ASP A 212 3.27 -9.39 -4.86
C ASP A 212 2.63 -8.36 -3.92
N SER A 213 2.29 -7.21 -4.47
CA SER A 213 1.64 -6.15 -3.70
C SER A 213 0.63 -5.42 -4.58
N LYS A 214 -0.52 -5.10 -3.98
CA LYS A 214 -1.61 -4.43 -4.69
C LYS A 214 -2.54 -3.83 -3.64
N GLY A 215 -3.60 -3.18 -4.10
CA GLY A 215 -4.50 -2.49 -3.20
C GLY A 215 -5.90 -2.39 -3.74
N TYR A 216 -6.86 -2.29 -2.83
CA TYR A 216 -8.26 -2.05 -3.18
C TYR A 216 -8.51 -0.54 -3.25
N GLY A 217 -9.13 -0.10 -4.33
CA GLY A 217 -9.43 1.30 -4.51
C GLY A 217 -10.86 1.53 -4.92
N VAL A 218 -11.41 2.66 -4.46
CA VAL A 218 -12.74 3.08 -4.87
C VAL A 218 -12.71 3.52 -6.32
N GLY A 219 -13.68 3.07 -7.11
CA GLY A 219 -13.71 3.32 -8.53
C GLY A 219 -14.73 4.38 -8.91
N THR A 220 -14.34 5.25 -9.85
CA THR A 220 -15.18 6.30 -10.39
C THR A 220 -14.99 6.34 -11.90
N PRO A 221 -15.98 6.83 -12.64
CA PRO A 221 -15.80 7.00 -14.08
C PRO A 221 -14.75 8.04 -14.39
N ILE A 222 -14.13 7.91 -15.56
CA ILE A 222 -13.14 8.88 -16.00
C ILE A 222 -13.82 10.24 -16.19
N GLY A 223 -13.26 11.26 -15.55
CA GLY A 223 -13.83 12.59 -15.61
C GLY A 223 -14.91 12.87 -14.58
N SER A 224 -15.00 12.06 -13.53
CA SER A 224 -16.01 12.27 -12.50
C SER A 224 -15.61 13.46 -11.61
N PRO A 225 -16.59 14.26 -11.16
CA PRO A 225 -16.27 15.35 -10.23
C PRO A 225 -15.96 14.86 -8.82
N TYR A 226 -16.36 13.63 -8.47
CA TYR A 226 -16.13 13.09 -7.13
C TYR A 226 -14.79 12.38 -7.00
N ARG A 227 -13.97 12.38 -8.05
CA ARG A 227 -12.71 11.65 -8.03
C ARG A 227 -11.78 12.16 -6.93
N ASP A 228 -11.38 13.43 -7.03
CA ASP A 228 -10.46 14.03 -6.06
C ASP A 228 -11.03 13.97 -4.65
N LYS A 229 -12.32 14.29 -4.50
CA LYS A 229 -12.95 14.24 -3.19
C LYS A 229 -12.87 12.84 -2.57
N ILE A 230 -13.08 11.81 -3.39
CA ILE A 230 -12.98 10.44 -2.87
C ILE A 230 -11.55 10.11 -2.46
N THR A 231 -10.57 10.44 -3.29
CA THR A 231 -9.18 10.16 -2.92
C THR A 231 -8.81 10.86 -1.62
N ILE A 232 -9.08 12.17 -1.54
CA ILE A 232 -8.75 12.95 -0.36
C ILE A 232 -9.45 12.39 0.87
N ALA A 233 -10.71 11.95 0.71
CA ALA A 233 -11.44 11.39 1.85
C ALA A 233 -10.83 10.07 2.29
N ILE A 234 -10.42 9.22 1.35
CA ILE A 234 -9.76 7.96 1.69
C ILE A 234 -8.49 8.23 2.50
N LEU A 235 -7.69 9.20 2.06
CA LEU A 235 -6.49 9.54 2.82
C LEU A 235 -6.86 10.10 4.21
N GLN A 236 -7.93 10.89 4.29
CA GLN A 236 -8.35 11.44 5.57
C GLN A 236 -8.72 10.32 6.55
N LEU A 237 -9.37 9.27 6.04
CA LEU A 237 -9.69 8.14 6.91
C LEU A 237 -8.46 7.30 7.22
N GLN A 238 -7.49 7.26 6.30
CA GLN A 238 -6.25 6.54 6.55
C GLN A 238 -5.45 7.17 7.68
N GLU A 239 -5.34 8.50 7.69
CA GLU A 239 -4.55 9.16 8.72
C GLU A 239 -5.26 9.18 10.07
N GLU A 240 -6.58 9.05 10.09
CA GLU A 240 -7.33 8.98 11.33
C GLU A 240 -7.39 7.57 11.91
N GLY A 241 -6.85 6.57 11.20
CA GLY A 241 -6.89 5.19 11.66
C GLY A 241 -8.25 4.53 11.54
N LYS A 242 -9.21 5.19 10.89
CA LYS A 242 -10.56 4.63 10.80
C LYS A 242 -10.58 3.35 9.98
N LEU A 243 -9.86 3.32 8.86
CA LEU A 243 -9.84 2.14 8.00
C LEU A 243 -9.34 0.92 8.76
N HIS A 244 -8.33 1.10 9.60
CA HIS A 244 -7.80 -0.02 10.38
C HIS A 244 -8.77 -0.45 11.47
N MET A 245 -9.51 0.50 12.04
CA MET A 245 -10.57 0.13 12.98
C MET A 245 -11.63 -0.73 12.30
N MET A 246 -12.00 -0.36 11.06
CA MET A 246 -12.99 -1.14 10.32
C MET A 246 -12.48 -2.54 10.01
N LYS A 247 -11.25 -2.64 9.50
CA LYS A 247 -10.69 -3.96 9.18
C LYS A 247 -10.57 -4.82 10.42
N GLU A 248 -10.03 -4.26 11.50
CA GLU A 248 -9.94 -5.00 12.76
C GLU A 248 -11.32 -5.40 13.27
N LYS A 249 -12.33 -4.58 12.99
CA LYS A 249 -13.69 -4.91 13.40
C LYS A 249 -14.21 -6.13 12.64
N TRP A 250 -14.11 -6.10 11.31
CA TRP A 250 -14.68 -7.16 10.49
C TRP A 250 -13.78 -8.38 10.33
N TRP A 251 -12.58 -8.39 10.93
CA TRP A 251 -11.66 -9.49 10.71
C TRP A 251 -11.36 -10.32 11.95
N ARG A 252 -11.37 -9.74 13.15
CA ARG A 252 -11.04 -10.50 14.35
C ARG A 252 -12.11 -11.53 14.69
N GLY A 255 -9.67 -15.89 18.22
CA GLY A 255 -8.37 -16.11 17.59
C GLY A 255 -8.10 -17.58 17.29
N CYS A 256 -6.83 -17.93 17.13
CA CYS A 256 -6.42 -19.30 16.89
C CYS A 256 -5.12 -19.58 17.62
N PRO A 257 -5.00 -20.74 18.27
CA PRO A 257 -3.79 -21.14 19.00
C PRO A 257 -2.59 -21.34 18.08
N THR B 5 11.91 17.52 -22.85
CA THR B 5 12.76 17.24 -21.70
C THR B 5 12.13 17.77 -20.42
N LEU B 6 12.02 16.90 -19.42
CA LEU B 6 11.37 17.23 -18.16
C LEU B 6 12.39 17.56 -17.08
N ILE B 7 11.92 18.30 -16.07
CA ILE B 7 12.71 18.66 -14.90
C ILE B 7 12.15 17.90 -13.70
N VAL B 8 13.02 17.23 -12.95
CA VAL B 8 12.59 16.38 -11.85
C VAL B 8 13.27 16.88 -10.58
N THR B 9 12.47 17.41 -9.64
CA THR B 9 13.00 17.82 -8.35
C THR B 9 13.10 16.62 -7.42
N THR B 10 14.07 16.65 -6.51
CA THR B 10 14.26 15.54 -5.59
C THR B 10 15.11 15.97 -4.41
N ILE B 11 15.28 15.07 -3.45
CA ILE B 11 16.00 15.32 -2.21
C ILE B 11 16.96 14.16 -1.94
N LEU B 12 17.99 14.46 -1.15
CA LEU B 12 19.01 13.47 -0.81
C LEU B 12 18.58 12.63 0.39
N GLU B 13 18.58 11.30 0.21
CA GLU B 13 18.23 10.37 1.29
C GLU B 13 18.60 8.95 0.91
N GLU B 14 19.43 8.29 1.72
CA GLU B 14 19.83 6.91 1.46
C GLU B 14 18.67 5.95 1.69
N PRO B 15 18.51 4.95 0.82
CA PRO B 15 19.28 4.78 -0.42
C PRO B 15 18.52 5.27 -1.65
N TYR B 16 17.67 6.27 -1.47
CA TYR B 16 16.85 6.78 -2.57
C TYR B 16 17.67 7.62 -3.53
N VAL B 17 18.35 8.64 -3.02
CA VAL B 17 19.16 9.55 -3.83
C VAL B 17 20.45 9.83 -3.04
N MET B 18 21.58 9.36 -3.57
CA MET B 18 22.86 9.54 -2.92
C MET B 18 23.90 9.98 -3.94
N TYR B 19 24.82 10.85 -3.49
CA TYR B 19 25.99 11.19 -4.28
C TYR B 19 26.85 9.94 -4.50
N ARG B 20 27.16 9.65 -5.76
CA ARG B 20 28.00 8.50 -6.05
C ARG B 20 29.44 8.81 -5.66
N LYS B 21 30.12 7.81 -5.09
CA LYS B 21 31.50 7.99 -4.67
C LYS B 21 32.41 7.86 -5.89
N SER B 22 33.09 8.95 -6.23
CA SER B 22 33.99 8.97 -7.37
C SER B 22 35.20 9.84 -7.03
N ASP B 23 36.30 9.59 -7.75
CA ASP B 23 37.53 10.33 -7.52
C ASP B 23 37.50 11.70 -8.20
N LYS B 24 36.90 11.77 -9.39
CA LYS B 24 36.78 12.94 -10.24
C LYS B 24 35.40 13.57 -10.12
N PRO B 25 35.30 14.88 -10.29
CA PRO B 25 33.99 15.55 -10.28
C PRO B 25 33.02 14.90 -11.27
N LEU B 26 31.74 14.95 -10.90
CA LEU B 26 30.67 14.41 -11.73
C LEU B 26 29.71 15.53 -12.11
N TYR B 27 29.01 15.33 -13.22
CA TYR B 27 28.15 16.36 -13.79
C TYR B 27 26.80 15.78 -14.16
N GLY B 28 25.76 16.60 -14.01
CA GLY B 28 24.41 16.24 -14.38
C GLY B 28 23.90 15.04 -13.61
N ASN B 29 23.03 14.26 -14.28
CA ASN B 29 22.43 13.09 -13.65
C ASN B 29 23.46 12.05 -13.26
N ASP B 30 24.66 12.10 -13.85
CA ASP B 30 25.73 11.20 -13.47
C ASP B 30 26.21 11.42 -12.04
N ARG B 31 25.83 12.54 -11.42
CA ARG B 31 26.24 12.81 -10.04
C ARG B 31 25.56 11.89 -9.03
N PHE B 32 24.40 11.34 -9.35
CA PHE B 32 23.54 10.69 -8.38
C PHE B 32 23.32 9.22 -8.70
N GLU B 33 23.05 8.44 -7.66
CA GLU B 33 22.63 7.05 -7.79
C GLU B 33 21.66 6.74 -6.67
N GLY B 34 20.95 5.63 -6.80
CA GLY B 34 19.99 5.23 -5.78
C GLY B 34 18.75 4.54 -6.31
N TYR B 35 17.83 4.20 -5.39
CA TYR B 35 16.60 3.53 -5.78
C TYR B 35 15.77 4.40 -6.71
N CYS B 36 15.53 5.66 -6.32
CA CYS B 36 14.71 6.55 -7.12
C CYS B 36 15.34 6.84 -8.48
N LEU B 37 16.66 6.71 -8.57
CA LEU B 37 17.33 6.85 -9.86
C LEU B 37 16.95 5.72 -10.81
N ASP B 38 17.02 4.48 -10.31
CA ASP B 38 16.62 3.33 -11.10
C ASP B 38 15.15 3.43 -11.49
N LEU B 39 14.29 3.77 -10.52
CA LEU B 39 12.87 3.94 -10.80
C LEU B 39 12.65 5.00 -11.87
N LEU B 40 13.42 6.09 -11.82
CA LEU B 40 13.27 7.15 -12.80
C LEU B 40 13.72 6.68 -14.19
N LYS B 41 14.76 5.85 -14.25
CA LYS B 41 15.19 5.30 -15.53
C LYS B 41 14.12 4.39 -16.13
N GLU B 42 13.53 3.52 -15.31
CA GLU B 42 12.46 2.66 -15.82
C GLU B 42 11.24 3.47 -16.25
N LEU B 43 10.88 4.49 -15.47
CA LEU B 43 9.78 5.37 -15.87
C LEU B 43 10.06 6.04 -17.20
N SER B 44 11.28 6.53 -17.39
CA SER B 44 11.64 7.12 -18.69
C SER B 44 11.62 6.08 -19.80
N ASN B 45 11.87 4.82 -19.46
CA ASN B 45 11.76 3.76 -20.46
C ASN B 45 10.31 3.56 -20.89
N ILE B 46 9.39 3.52 -19.93
CA ILE B 46 7.98 3.30 -20.26
C ILE B 46 7.41 4.49 -21.01
N LEU B 47 7.48 5.68 -20.40
CA LEU B 47 6.83 6.85 -20.99
C LEU B 47 7.64 7.49 -22.10
N GLY B 48 8.94 7.24 -22.17
CA GLY B 48 9.76 7.79 -23.23
C GLY B 48 9.97 9.28 -23.16
N PHE B 49 10.73 9.75 -22.17
CA PHE B 49 11.03 11.16 -22.03
C PHE B 49 12.46 11.33 -21.54
N LEU B 50 13.03 12.51 -21.82
CA LEU B 50 14.31 12.91 -21.27
C LEU B 50 14.09 13.73 -20.00
N TYR B 51 14.98 13.55 -19.04
CA TYR B 51 14.80 14.14 -17.72
C TYR B 51 16.12 14.69 -17.19
N ASP B 52 16.03 15.79 -16.45
CA ASP B 52 17.16 16.42 -15.79
C ASP B 52 16.85 16.52 -14.30
N VAL B 53 17.80 16.09 -13.47
CA VAL B 53 17.59 15.98 -12.03
C VAL B 53 18.02 17.27 -11.35
N LYS B 54 17.18 17.77 -10.45
CA LYS B 54 17.43 19.01 -9.73
C LYS B 54 17.07 18.79 -8.27
N LEU B 55 18.09 18.82 -7.40
CA LEU B 55 17.85 18.79 -5.97
C LEU B 55 17.03 19.99 -5.55
N VAL B 56 16.09 19.77 -4.63
CA VAL B 56 15.23 20.86 -4.15
C VAL B 56 16.11 21.92 -3.48
N PRO B 57 15.93 23.20 -3.78
CA PRO B 57 16.85 24.22 -3.25
C PRO B 57 16.92 24.27 -1.73
N ASP B 58 15.79 24.39 -1.04
CA ASP B 58 15.81 24.50 0.41
C ASP B 58 15.98 23.15 1.12
N GLY B 59 16.10 22.05 0.37
CA GLY B 59 16.34 20.76 0.98
C GLY B 59 15.22 20.29 1.89
N LYS B 60 13.99 20.70 1.62
CA LYS B 60 12.84 20.29 2.41
C LYS B 60 11.91 19.41 1.58
N TYR B 61 11.13 18.58 2.26
CA TYR B 61 10.18 17.71 1.58
C TYR B 61 8.94 18.50 1.13
N GLY B 62 8.16 18.98 2.09
CA GLY B 62 6.95 19.72 1.78
C GLY B 62 6.03 19.87 2.96
N ALA B 63 6.01 21.07 3.55
CA ALA B 63 5.10 21.41 4.62
C ALA B 63 4.65 22.85 4.43
N GLN B 64 3.59 23.23 5.14
CA GLN B 64 3.04 24.57 5.05
C GLN B 64 3.22 25.28 6.38
N ASN B 65 3.51 26.57 6.31
CA ASN B 65 3.85 27.37 7.49
C ASN B 65 2.57 27.90 8.14
N ASP B 66 2.71 28.92 8.99
CA ASP B 66 1.56 29.42 9.73
C ASP B 66 0.61 30.21 8.84
N LYS B 67 1.11 30.81 7.77
CA LYS B 67 0.30 31.56 6.83
C LYS B 67 -0.22 30.73 5.67
N GLY B 68 0.16 29.45 5.59
CA GLY B 68 -0.31 28.59 4.53
C GLY B 68 0.58 28.49 3.32
N GLU B 69 1.86 28.85 3.44
CA GLU B 69 2.80 28.81 2.34
C GLU B 69 3.60 27.51 2.36
N TRP B 70 3.81 26.93 1.19
CA TRP B 70 4.49 25.65 1.05
C TRP B 70 5.97 25.83 0.76
N ASN B 71 6.76 24.85 1.17
CA ASN B 71 8.19 24.79 0.89
C ASN B 71 8.51 23.50 0.16
N GLY B 72 9.81 23.28 -0.08
CA GLY B 72 10.34 22.05 -0.62
C GLY B 72 9.79 21.63 -1.97
N MET B 73 9.87 20.32 -2.21
CA MET B 73 9.47 19.75 -3.50
C MET B 73 8.03 20.08 -3.84
N VAL B 74 7.14 20.04 -2.84
CA VAL B 74 5.73 20.35 -3.06
C VAL B 74 5.60 21.74 -3.68
N LYS B 75 6.27 22.73 -3.08
CA LYS B 75 6.24 24.08 -3.64
C LYS B 75 6.90 24.13 -5.01
N GLU B 76 7.96 23.35 -5.20
CA GLU B 76 8.58 23.25 -6.53
C GLU B 76 7.56 22.84 -7.58
N LEU B 77 6.71 21.87 -7.27
CA LEU B 77 5.70 21.43 -8.23
C LEU B 77 4.58 22.46 -8.38
N ILE B 78 4.14 23.05 -7.26
CA ILE B 78 3.03 24.01 -7.31
C ILE B 78 3.38 25.17 -8.24
N ASP B 79 4.61 25.69 -8.15
CA ASP B 79 5.03 26.84 -8.93
C ASP B 79 5.46 26.48 -10.35
N HIS B 80 5.15 25.27 -10.82
CA HIS B 80 5.55 24.82 -12.16
C HIS B 80 7.04 24.97 -12.39
N ARG B 81 7.83 24.73 -11.33
CA ARG B 81 9.28 24.73 -11.43
C ARG B 81 9.84 23.33 -11.66
N ALA B 82 9.04 22.28 -11.50
CA ALA B 82 9.44 20.92 -11.77
C ALA B 82 8.32 20.17 -12.46
N ASP B 83 8.70 19.25 -13.35
CA ASP B 83 7.71 18.41 -14.03
C ASP B 83 7.31 17.22 -13.15
N LEU B 84 8.29 16.54 -12.59
CA LEU B 84 8.06 15.38 -11.73
C LEU B 84 8.70 15.60 -10.36
N ALA B 85 8.30 14.76 -9.41
CA ALA B 85 8.94 14.69 -8.10
C ALA B 85 9.07 13.21 -7.74
N VAL B 86 10.27 12.67 -7.89
CA VAL B 86 10.54 11.26 -7.62
C VAL B 86 11.43 11.20 -6.39
N ALA B 87 10.84 10.82 -5.26
CA ALA B 87 11.53 10.82 -3.98
C ALA B 87 10.65 10.10 -2.97
N PRO B 88 11.22 9.65 -1.84
CA PRO B 88 10.37 9.08 -0.78
C PRO B 88 9.42 10.12 -0.21
N LEU B 89 8.47 10.55 -1.02
CA LEU B 89 7.52 11.60 -0.65
C LEU B 89 6.22 10.95 -0.21
N THR B 90 5.85 11.19 1.05
CA THR B 90 4.68 10.54 1.62
C THR B 90 3.40 11.12 1.04
N ILE B 91 2.45 10.26 0.73
CA ILE B 91 1.14 10.67 0.23
C ILE B 91 0.28 11.03 1.43
N THR B 92 0.11 12.32 1.68
CA THR B 92 -0.61 12.81 2.84
C THR B 92 -1.87 13.55 2.42
N TYR B 93 -2.77 13.71 3.40
CA TYR B 93 -4.03 14.42 3.18
C TYR B 93 -3.78 15.83 2.66
N VAL B 94 -2.90 16.58 3.32
CA VAL B 94 -2.75 18.00 3.01
C VAL B 94 -1.98 18.18 1.70
N ARG B 95 -1.07 17.26 1.38
CA ARG B 95 -0.29 17.40 0.15
C ARG B 95 -1.13 17.08 -1.08
N GLU B 96 -2.03 16.09 -0.99
CA GLU B 96 -2.80 15.71 -2.17
C GLU B 96 -3.83 16.77 -2.56
N LYS B 97 -4.22 17.64 -1.61
CA LYS B 97 -5.13 18.72 -1.95
C LYS B 97 -4.45 19.75 -2.86
N VAL B 98 -3.13 19.78 -2.91
CA VAL B 98 -2.41 20.78 -3.69
C VAL B 98 -1.62 20.19 -4.86
N ILE B 99 -1.31 18.90 -4.85
CA ILE B 99 -0.61 18.24 -5.95
C ILE B 99 -1.25 16.88 -6.21
N ASP B 100 -0.82 16.24 -7.29
CA ASP B 100 -1.33 14.94 -7.71
C ASP B 100 -0.28 13.87 -7.46
N PHE B 101 -0.62 12.88 -6.64
CA PHE B 101 0.22 11.73 -6.37
C PHE B 101 -0.16 10.58 -7.29
N SER B 102 0.83 9.85 -7.76
CA SER B 102 0.58 8.61 -8.49
C SER B 102 0.22 7.50 -7.50
N LYS B 103 -0.10 6.32 -8.02
CA LYS B 103 -0.29 5.18 -7.15
C LYS B 103 1.02 4.84 -6.45
N PRO B 104 0.98 4.41 -5.19
CA PRO B 104 2.22 4.27 -4.42
C PRO B 104 3.15 3.22 -5.01
N PHE B 105 4.41 3.60 -5.17
CA PHE B 105 5.45 2.65 -5.58
C PHE B 105 6.14 2.00 -4.39
N MET B 106 5.71 2.34 -3.17
CA MET B 106 6.22 1.69 -1.96
C MET B 106 5.24 1.98 -0.82
N THR B 107 4.88 0.93 -0.08
CA THR B 107 3.95 1.04 1.03
C THR B 107 4.68 0.77 2.33
N LEU B 108 4.37 1.55 3.36
CA LEU B 108 5.15 1.53 4.60
C LEU B 108 4.30 2.07 5.73
N GLY B 109 4.93 2.30 6.88
CA GLY B 109 4.25 2.86 8.04
C GLY B 109 5.25 3.30 9.08
N ILE B 110 4.76 4.02 10.07
CA ILE B 110 5.59 4.48 11.18
C ILE B 110 5.89 3.31 12.10
N SER B 111 7.15 3.17 12.49
CA SER B 111 7.54 2.12 13.43
C SER B 111 8.65 2.66 14.34
N ILE B 112 9.27 1.76 15.09
CA ILE B 112 10.20 2.11 16.16
C ILE B 112 11.56 1.49 15.87
N LEU B 113 12.61 2.29 16.01
CA LEU B 113 13.99 1.85 15.88
C LEU B 113 14.64 1.87 17.26
N TYR B 114 15.23 0.73 17.65
CA TYR B 114 15.78 0.60 19.00
C TYR B 114 16.90 -0.44 18.96
N ARG B 115 17.36 -0.85 20.14
CA ARG B 115 18.43 -1.82 20.25
C ARG B 115 17.86 -3.25 20.30
N LYS B 116 18.73 -4.22 20.05
CA LYS B 116 18.36 -5.61 20.14
C LYS B 116 18.45 -6.11 21.59
N GLY B 117 17.80 -7.22 21.86
CA GLY B 117 17.92 -7.87 23.15
C GLY B 117 17.34 -7.10 24.32
N THR B 118 16.31 -6.29 24.09
CA THR B 118 15.64 -5.52 25.12
C THR B 118 14.21 -6.02 25.31
N PRO B 119 13.56 -5.69 26.42
CA PRO B 119 12.19 -6.16 26.65
C PRO B 119 11.11 -5.38 25.94
N ILE B 120 11.44 -4.27 25.27
CA ILE B 120 10.42 -3.47 24.63
C ILE B 120 9.88 -4.20 23.40
N ASP B 121 8.56 -4.18 23.24
CA ASP B 121 7.90 -4.91 22.17
C ASP B 121 6.83 -4.12 21.42
N SER B 122 6.32 -3.02 21.98
CA SER B 122 5.28 -2.25 21.32
C SER B 122 5.40 -0.80 21.76
N ALA B 123 4.68 0.08 21.05
CA ALA B 123 4.59 1.48 21.46
C ALA B 123 3.87 1.64 22.79
N ASP B 124 3.07 0.65 23.19
CA ASP B 124 2.44 0.69 24.51
C ASP B 124 3.47 0.53 25.62
N ASP B 125 4.50 -0.29 25.39
CA ASP B 125 5.57 -0.42 26.36
C ASP B 125 6.30 0.90 26.55
N LEU B 126 6.59 1.60 25.45
CA LEU B 126 7.23 2.91 25.54
C LEU B 126 6.31 3.93 26.20
N ALA B 127 5.01 3.86 25.92
CA ALA B 127 4.07 4.85 26.46
C ALA B 127 3.90 4.72 27.97
N LYS B 128 3.97 3.51 28.51
CA LYS B 128 3.83 3.30 29.95
C LYS B 128 5.08 3.66 30.73
N GLN B 129 6.12 4.18 30.07
CA GLN B 129 7.41 4.42 30.70
C GLN B 129 7.94 5.79 30.32
N THR B 130 8.67 6.41 31.24
CA THR B 130 9.33 7.68 30.99
C THR B 130 10.84 7.61 31.13
N LYS B 131 11.39 6.45 31.48
CA LYS B 131 12.85 6.32 31.60
C LYS B 131 13.51 6.28 30.23
N ILE B 132 13.02 5.44 29.33
CA ILE B 132 13.52 5.41 27.96
C ILE B 132 12.93 6.58 27.19
N GLU B 133 13.79 7.37 26.55
CA GLU B 133 13.35 8.50 25.74
C GLU B 133 13.00 8.04 24.34
N TYR B 134 11.91 8.59 23.80
CA TYR B 134 11.47 8.28 22.45
C TYR B 134 10.97 9.54 21.77
N GLY B 135 11.15 9.61 20.46
CA GLY B 135 10.75 10.78 19.73
C GLY B 135 10.92 10.59 18.23
N ALA B 136 10.79 11.68 17.50
CA ALA B 136 10.88 11.66 16.05
C ALA B 136 11.48 12.96 15.55
N VAL B 137 11.68 13.05 14.23
CA VAL B 137 12.25 14.24 13.63
C VAL B 137 11.26 15.39 13.68
N ARG B 138 11.75 16.58 14.02
CA ARG B 138 10.89 17.74 14.14
C ARG B 138 10.29 18.13 12.79
N ASP B 139 8.99 18.41 12.79
CA ASP B 139 8.21 18.89 11.65
C ASP B 139 8.03 17.84 10.56
N GLY B 140 8.60 16.65 10.72
CA GLY B 140 8.40 15.60 9.75
C GLY B 140 7.01 14.99 9.82
N SER B 141 6.73 14.12 8.86
CA SER B 141 5.41 13.48 8.79
C SER B 141 5.19 12.57 9.99
N THR B 142 6.24 11.89 10.45
CA THR B 142 6.11 11.01 11.61
C THR B 142 5.68 11.80 12.84
N MET B 143 6.32 12.95 13.07
CA MET B 143 5.89 13.85 14.14
C MET B 143 4.45 14.32 13.93
N THR B 144 4.09 14.63 12.68
CA THR B 144 2.75 15.11 12.39
C THR B 144 1.69 14.08 12.78
N PHE B 145 1.97 12.79 12.55
CA PHE B 145 1.00 11.77 12.93
C PHE B 145 0.68 11.83 14.43
N PHE B 146 1.72 11.82 15.27
CA PHE B 146 1.50 11.91 16.71
C PHE B 146 0.86 13.23 17.09
N LYS B 147 1.17 14.28 16.34
CA LYS B 147 0.53 15.58 16.57
C LYS B 147 -0.98 15.49 16.40
N LYS B 148 -1.44 14.86 15.32
CA LYS B 148 -2.86 14.82 14.98
C LYS B 148 -3.62 13.66 15.63
N SER B 149 -2.93 12.60 16.04
CA SER B 149 -3.61 11.39 16.49
C SER B 149 -4.50 11.65 17.70
N LYS B 150 -5.61 10.92 17.75
CA LYS B 150 -6.53 10.96 18.88
C LYS B 150 -6.59 9.64 19.65
N ILE B 151 -5.71 8.69 19.31
CA ILE B 151 -5.62 7.46 20.09
C ILE B 151 -4.96 7.77 21.43
N SER B 152 -5.45 7.12 22.48
CA SER B 152 -4.95 7.36 23.84
C SER B 152 -3.43 7.24 23.91
N THR B 153 -2.91 6.08 23.54
CA THR B 153 -1.47 5.82 23.63
C THR B 153 -0.66 6.87 22.89
N TYR B 154 -1.10 7.25 21.69
CA TYR B 154 -0.33 8.19 20.89
C TYR B 154 -0.48 9.62 21.39
N GLU B 155 -1.57 9.94 22.10
CA GLU B 155 -1.66 11.23 22.76
C GLU B 155 -0.71 11.29 23.95
N LYS B 156 -0.59 10.18 24.68
CA LYS B 156 0.38 10.09 25.76
C LYS B 156 1.80 10.26 25.23
N MET B 157 2.14 9.50 24.18
CA MET B 157 3.46 9.61 23.57
C MET B 157 3.71 11.01 23.01
N TRP B 158 2.68 11.66 22.50
CA TRP B 158 2.85 13.04 22.03
C TRP B 158 3.12 13.98 23.20
N ALA B 159 2.49 13.73 24.34
CA ALA B 159 2.81 14.51 25.54
C ALA B 159 4.27 14.34 25.93
N PHE B 160 4.73 13.08 25.98
CA PHE B 160 6.14 12.84 26.33
C PHE B 160 7.08 13.49 25.32
N MET B 161 6.76 13.42 24.03
CA MET B 161 7.64 13.97 23.00
C MET B 161 7.71 15.49 23.11
N SER B 162 6.56 16.16 23.15
CA SER B 162 6.56 17.62 23.22
C SER B 162 7.10 18.14 24.55
N SER B 163 7.06 17.33 25.61
CA SER B 163 7.49 17.77 26.93
C SER B 163 8.95 18.23 26.91
N ARG B 164 9.27 19.10 27.87
CA ARG B 164 10.62 19.65 28.04
C ARG B 164 11.09 20.40 26.79
N GLN B 165 10.21 21.26 26.27
CA GLN B 165 10.52 22.07 25.08
C GLN B 165 10.93 21.20 23.89
N GLN B 166 10.27 20.06 23.75
CA GLN B 166 10.56 19.09 22.69
C GLN B 166 12.01 18.61 22.77
N SER B 167 12.48 18.34 23.99
CA SER B 167 13.84 17.84 24.15
C SER B 167 14.00 16.41 23.66
N ALA B 168 12.89 15.67 23.52
CA ALA B 168 12.94 14.29 23.04
C ALA B 168 13.04 14.20 21.52
N LEU B 169 12.84 15.29 20.81
CA LEU B 169 12.88 15.28 19.35
C LEU B 169 14.30 15.54 18.85
N VAL B 170 14.52 15.24 17.57
CA VAL B 170 15.82 15.40 16.93
C VAL B 170 15.63 16.27 15.69
N LYS B 171 16.75 16.88 15.24
CA LYS B 171 16.68 17.76 14.08
C LYS B 171 16.57 16.98 12.78
N ASN B 172 17.18 15.81 12.70
CA ASN B 172 17.18 15.02 11.47
C ASN B 172 17.33 13.55 11.84
N SER B 173 17.09 12.69 10.84
CA SER B 173 17.04 11.25 11.08
C SER B 173 18.39 10.71 11.55
N ASP B 174 19.49 11.20 10.96
CA ASP B 174 20.80 10.65 11.29
C ASP B 174 21.18 10.95 12.73
N GLU B 175 20.86 12.15 13.22
CA GLU B 175 21.09 12.44 14.63
C GLU B 175 20.29 11.52 15.53
N GLY B 176 19.08 11.15 15.11
CA GLY B 176 18.30 10.19 15.87
C GLY B 176 18.91 8.81 15.88
N ILE B 177 19.40 8.35 14.72
CA ILE B 177 20.09 7.07 14.65
C ILE B 177 21.30 7.06 15.58
N GLN B 178 22.08 8.14 15.57
CA GLN B 178 23.21 8.26 16.50
C GLN B 178 22.72 8.23 17.95
N ARG B 179 21.62 8.92 18.23
CA ARG B 179 21.10 8.97 19.60
C ARG B 179 20.68 7.58 20.08
N VAL B 180 20.12 6.76 19.18
CA VAL B 180 19.82 5.38 19.53
C VAL B 180 21.11 4.59 19.74
N LEU B 181 22.11 4.83 18.89
CA LEU B 181 23.34 4.05 18.96
C LEU B 181 24.20 4.41 20.17
N THR B 182 23.97 5.56 20.81
CA THR B 182 24.83 6.00 21.90
C THR B 182 24.12 6.15 23.24
N THR B 183 22.83 6.50 23.25
CA THR B 183 22.07 6.65 24.49
C THR B 183 20.93 5.63 24.51
N ASP B 184 20.14 5.70 25.58
CA ASP B 184 18.96 4.83 25.74
C ASP B 184 17.76 5.55 25.09
N TYR B 185 17.68 5.43 23.77
CA TYR B 185 16.75 6.22 22.98
C TYR B 185 16.09 5.34 21.93
N ALA B 186 14.81 5.58 21.69
CA ALA B 186 14.06 4.91 20.63
C ALA B 186 13.59 5.96 19.64
N LEU B 187 13.76 5.69 18.35
CA LEU B 187 13.46 6.67 17.31
C LEU B 187 12.30 6.16 16.46
N LEU B 188 11.18 6.86 16.51
CA LEU B 188 10.00 6.53 15.72
C LEU B 188 10.14 7.17 14.35
N MET B 189 10.11 6.35 13.30
CA MET B 189 10.43 6.81 11.96
C MET B 189 9.77 5.86 10.96
N GLU B 190 9.85 6.24 9.68
CA GLU B 190 9.24 5.45 8.63
C GLU B 190 9.99 4.13 8.46
N SER B 191 9.23 3.04 8.29
CA SER B 191 9.79 1.70 8.40
C SER B 191 10.79 1.39 7.29
N THR B 192 10.61 2.00 6.11
CA THR B 192 11.53 1.73 5.01
C THR B 192 12.96 2.12 5.36
N SER B 193 13.12 3.14 6.20
CA SER B 193 14.46 3.52 6.65
C SER B 193 14.94 2.59 7.77
N ILE B 194 14.03 2.16 8.65
CA ILE B 194 14.38 1.22 9.72
C ILE B 194 14.93 -0.06 9.12
N GLU B 195 14.38 -0.51 8.00
CA GLU B 195 14.91 -1.70 7.34
C GLU B 195 16.36 -1.48 6.91
N TYR B 196 16.64 -0.32 6.31
CA TYR B 196 18.00 0.01 5.87
C TYR B 196 18.96 0.03 7.05
N VAL B 197 18.61 0.77 8.10
CA VAL B 197 19.47 0.88 9.29
C VAL B 197 19.71 -0.49 9.89
N THR B 198 18.64 -1.27 10.09
CA THR B 198 18.78 -2.59 10.68
C THR B 198 19.67 -3.48 9.82
N GLN B 199 19.55 -3.38 8.50
CA GLN B 199 20.43 -4.14 7.61
C GLN B 199 21.87 -3.64 7.67
N ARG B 200 22.11 -2.43 8.15
CA ARG B 200 23.48 -1.91 8.27
C ARG B 200 23.89 -1.60 9.70
N ASN B 201 23.11 -2.03 10.69
CA ASN B 201 23.47 -1.87 12.10
C ASN B 201 22.92 -3.09 12.85
N CYS B 202 23.72 -4.16 12.89
CA CYS B 202 23.25 -5.45 13.38
C CYS B 202 22.97 -5.48 14.88
N ASN B 203 23.14 -4.39 15.60
CA ASN B 203 22.75 -4.31 17.00
C ASN B 203 21.45 -3.55 17.20
N LEU B 204 20.88 -2.99 16.13
CA LEU B 204 19.60 -2.29 16.18
C LEU B 204 18.53 -3.13 15.48
N THR B 205 17.29 -2.96 15.94
CA THR B 205 16.17 -3.67 15.35
C THR B 205 14.92 -2.82 15.44
N GLN B 206 13.91 -3.22 14.69
CA GLN B 206 12.59 -2.58 14.72
C GLN B 206 11.76 -3.18 15.85
N ILE B 207 11.00 -2.34 16.53
CA ILE B 207 10.22 -2.74 17.68
C ILE B 207 8.75 -2.65 17.31
N GLY B 208 8.09 -3.80 17.22
CA GLY B 208 6.67 -3.83 16.90
C GLY B 208 6.43 -3.89 15.40
N GLY B 209 5.20 -3.55 15.03
CA GLY B 209 4.79 -3.48 13.65
C GLY B 209 4.72 -2.06 13.15
N LEU B 210 3.73 -1.78 12.30
CA LEU B 210 3.52 -0.46 11.75
C LEU B 210 2.40 0.23 12.50
N ILE B 211 2.66 1.46 12.96
CA ILE B 211 1.65 2.22 13.69
C ILE B 211 0.53 2.65 12.76
N ASP B 212 0.84 2.95 11.51
CA ASP B 212 -0.15 3.39 10.53
C ASP B 212 0.25 2.79 9.18
N SER B 213 -0.32 3.35 8.10
CA SER B 213 -0.01 2.91 6.76
C SER B 213 0.00 4.11 5.83
N LYS B 214 0.95 4.12 4.89
CA LYS B 214 1.11 5.21 3.94
C LYS B 214 1.94 4.69 2.77
N GLY B 215 2.19 5.57 1.81
CA GLY B 215 2.90 5.16 0.61
C GLY B 215 3.63 6.33 -0.02
N TYR B 216 4.72 6.01 -0.72
CA TYR B 216 5.45 6.98 -1.51
C TYR B 216 4.88 7.03 -2.91
N GLY B 217 4.60 8.24 -3.40
CA GLY B 217 4.06 8.41 -4.74
C GLY B 217 4.83 9.45 -5.52
N VAL B 218 4.90 9.23 -6.83
CA VAL B 218 5.51 10.22 -7.71
C VAL B 218 4.60 11.43 -7.79
N GLY B 219 5.18 12.61 -7.65
CA GLY B 219 4.42 13.85 -7.58
C GLY B 219 4.47 14.62 -8.89
N THR B 220 3.32 15.16 -9.27
CA THR B 220 3.18 15.98 -10.47
C THR B 220 2.33 17.19 -10.14
N PRO B 221 2.49 18.28 -10.88
CA PRO B 221 1.60 19.43 -10.69
C PRO B 221 0.17 19.09 -11.08
N ILE B 222 -0.78 19.80 -10.47
CA ILE B 222 -2.18 19.60 -10.80
C ILE B 222 -2.41 19.96 -12.26
N GLY B 223 -3.02 19.04 -13.00
CA GLY B 223 -3.27 19.24 -14.41
C GLY B 223 -2.13 18.85 -15.33
N SER B 224 -1.17 18.08 -14.85
CA SER B 224 -0.08 17.66 -15.70
C SER B 224 -0.56 16.59 -16.68
N PRO B 225 -0.07 16.60 -17.93
CA PRO B 225 -0.45 15.54 -18.87
C PRO B 225 0.20 14.21 -18.58
N TYR B 226 1.27 14.19 -17.76
CA TYR B 226 2.02 12.99 -17.47
C TYR B 226 1.43 12.20 -16.30
N ARG B 227 0.39 12.72 -15.65
CA ARG B 227 -0.22 12.13 -14.47
C ARG B 227 -0.63 10.66 -14.67
N ASP B 228 -1.66 10.44 -15.49
CA ASP B 228 -2.19 9.09 -15.68
C ASP B 228 -1.11 8.16 -16.21
N LYS B 229 -0.32 8.61 -17.17
CA LYS B 229 0.75 7.79 -17.71
C LYS B 229 1.74 7.37 -16.62
N ILE B 230 2.08 8.29 -15.72
CA ILE B 230 2.99 7.95 -14.62
C ILE B 230 2.36 6.90 -13.70
N THR B 231 1.10 7.11 -13.31
CA THR B 231 0.43 6.14 -12.44
C THR B 231 0.38 4.76 -13.10
N ILE B 232 -0.06 4.70 -14.36
CA ILE B 232 -0.17 3.44 -15.08
C ILE B 232 1.19 2.76 -15.18
N ALA B 233 2.25 3.55 -15.41
CA ALA B 233 3.59 2.97 -15.49
C ALA B 233 4.03 2.42 -14.15
N ILE B 234 3.73 3.14 -13.06
CA ILE B 234 4.05 2.66 -11.71
C ILE B 234 3.37 1.32 -11.46
N LEU B 235 2.09 1.22 -11.80
CA LEU B 235 1.38 -0.05 -11.65
C LEU B 235 2.00 -1.14 -12.51
N GLN B 236 2.43 -0.77 -13.72
CA GLN B 236 3.08 -1.74 -14.60
C GLN B 236 4.36 -2.28 -13.98
N LEU B 237 5.12 -1.42 -13.28
CA LEU B 237 6.32 -1.88 -12.60
C LEU B 237 5.98 -2.68 -11.36
N GLN B 238 4.86 -2.37 -10.71
CA GLN B 238 4.41 -3.16 -9.56
C GLN B 238 4.06 -4.58 -9.98
N GLU B 239 3.36 -4.74 -11.10
CA GLU B 239 2.95 -6.06 -11.55
C GLU B 239 4.10 -6.87 -12.13
N GLU B 240 5.15 -6.22 -12.63
CA GLU B 240 6.31 -6.92 -13.15
C GLU B 240 7.31 -7.30 -12.07
N GLY B 241 7.08 -6.90 -10.83
CA GLY B 241 8.04 -7.18 -9.77
C GLY B 241 9.29 -6.33 -9.80
N LYS B 242 9.35 -5.32 -10.67
CA LYS B 242 10.55 -4.49 -10.78
C LYS B 242 10.81 -3.70 -9.51
N LEU B 243 9.75 -3.14 -8.91
CA LEU B 243 9.91 -2.37 -7.69
C LEU B 243 10.53 -3.21 -6.58
N HIS B 244 10.13 -4.48 -6.49
CA HIS B 244 10.70 -5.36 -5.47
C HIS B 244 12.14 -5.73 -5.78
N MET B 245 12.47 -5.88 -7.07
CA MET B 245 13.87 -6.10 -7.44
C MET B 245 14.73 -4.92 -7.04
N MET B 246 14.24 -3.69 -7.29
CA MET B 246 15.00 -2.50 -6.95
C MET B 246 15.17 -2.37 -5.43
N LYS B 247 14.08 -2.53 -4.69
CA LYS B 247 14.18 -2.44 -3.23
C LYS B 247 15.13 -3.49 -2.67
N GLU B 248 14.98 -4.73 -3.13
CA GLU B 248 15.89 -5.79 -2.68
C GLU B 248 17.33 -5.48 -3.06
N LYS B 249 17.54 -4.76 -4.17
CA LYS B 249 18.88 -4.37 -4.56
C LYS B 249 19.46 -3.33 -3.61
N TRP B 250 18.73 -2.25 -3.37
CA TRP B 250 19.24 -1.14 -2.58
C TRP B 250 19.09 -1.32 -1.07
N TRP B 251 18.51 -2.44 -0.61
CA TRP B 251 18.25 -2.64 0.80
C TRP B 251 19.03 -3.78 1.44
N ARG B 252 19.37 -4.82 0.68
CA ARG B 252 20.05 -5.96 1.25
C ARG B 252 21.45 -5.58 1.72
N GLY B 253 21.78 -5.95 2.95
CA GLY B 253 23.09 -5.72 3.51
C GLY B 253 23.93 -6.98 3.53
N ASN B 254 25.03 -6.92 4.27
CA ASN B 254 25.96 -8.03 4.37
C ASN B 254 25.53 -9.07 5.41
N GLY B 255 24.32 -8.96 5.96
CA GLY B 255 23.81 -9.94 6.89
C GLY B 255 24.17 -9.63 8.34
N CYS B 256 23.47 -10.31 9.24
CA CYS B 256 23.66 -10.19 10.67
C CYS B 256 23.79 -11.58 11.29
N PRO B 257 24.60 -11.72 12.36
CA PRO B 257 24.82 -13.02 13.00
C PRO B 257 23.58 -13.57 13.70
#